data_5LAS
#
_entry.id   5LAS
#
_cell.length_a   43.579
_cell.length_b   73.642
_cell.length_c   70.146
_cell.angle_alpha   90.00
_cell.angle_beta   91.25
_cell.angle_gamma   90.00
#
_symmetry.space_group_name_H-M   'P 1 21 1'
#
loop_
_entity.id
_entity.type
_entity.pdbx_description
1 polymer 'Egl nine homolog 1'
2 polymer 'Hypoxia-inducible factor 1-alpha'
3 non-polymer 'MANGANESE (II) ION'
4 non-polymer N-OXALYLGLYCINE
5 water water
#
loop_
_entity_poly.entity_id
_entity_poly.type
_entity_poly.pdbx_seq_one_letter_code
_entity_poly.pdbx_strand_id
1 'polypeptide(L)'
;GSHMASPNGQTKPLPALKLALEYIVPAMNKHGICVVDDFLGKETGQQIGDEVRALHDTGKFTDGQLVSQKSDSSKDIRGD
KITWIEGKEPGCETIGLLMSSMDDLICHCNGKLGSYKINGRTKAMVACYPGNGTGYVRHVDNCNGDGRCVTCIYYLNKDW
DAKVSGGILRIFPEGKAQFADIEPKFDRLLFFWSDRRNPHEVQPAYATRYAITVWYFDADETAAAKVKYLTGEKGVRVEL
NKPSDSVGKDVF
;
A,B
2 'polypeptide(L)' DACTLLAPAAGDTIISLCF C,D
#
loop_
_chem_comp.id
_chem_comp.type
_chem_comp.name
_chem_comp.formula
MN non-polymer 'MANGANESE (II) ION' 'Mn 2'
OGA non-polymer N-OXALYLGLYCINE 'C4 H5 N O5'
#
# COMPACT_ATOMS: atom_id res chain seq x y z
N PRO A 15 36.21 4.61 -1.49
CA PRO A 15 36.29 5.09 -0.10
C PRO A 15 34.98 5.68 0.38
N ALA A 16 34.63 5.42 1.64
CA ALA A 16 33.39 5.95 2.20
C ALA A 16 33.26 7.45 1.93
N LEU A 17 34.34 8.21 2.12
CA LEU A 17 34.26 9.66 2.00
C LEU A 17 33.92 10.09 0.57
N LYS A 18 34.69 9.61 -0.41
CA LYS A 18 34.47 10.01 -1.79
C LYS A 18 33.09 9.61 -2.26
N LEU A 19 32.60 8.46 -1.78
CA LEU A 19 31.24 8.04 -2.11
C LEU A 19 30.21 8.99 -1.51
N ALA A 20 30.39 9.35 -0.24
CA ALA A 20 29.43 10.22 0.44
C ALA A 20 29.34 11.58 -0.24
N LEU A 21 30.49 12.16 -0.60
CA LEU A 21 30.47 13.51 -1.17
C LEU A 21 30.14 13.50 -2.65
N GLU A 22 30.65 12.52 -3.39
CA GLU A 22 30.48 12.49 -4.84
C GLU A 22 29.18 11.84 -5.28
N TYR A 23 28.65 10.88 -4.52
CA TYR A 23 27.44 10.18 -4.95
C TYR A 23 26.28 10.35 -3.98
N ILE A 24 26.47 10.08 -2.69
CA ILE A 24 25.33 10.04 -1.78
C ILE A 24 24.69 11.41 -1.65
N VAL A 25 25.49 12.42 -1.32
CA VAL A 25 24.94 13.74 -1.02
C VAL A 25 24.23 14.34 -2.23
N PRO A 26 24.81 14.38 -3.43
CA PRO A 26 24.05 14.93 -4.57
C PRO A 26 22.76 14.18 -4.85
N ALA A 27 22.78 12.84 -4.82
CA ALA A 27 21.57 12.08 -5.11
C ALA A 27 20.49 12.35 -4.06
N MET A 28 20.89 12.43 -2.79
CA MET A 28 19.90 12.72 -1.74
C MET A 28 19.31 14.11 -1.90
N ASN A 29 20.16 15.12 -2.13
CA ASN A 29 19.65 16.49 -2.19
C ASN A 29 18.81 16.72 -3.44
N LYS A 30 19.19 16.10 -4.56
CA LYS A 30 18.46 16.33 -5.81
C LYS A 30 17.24 15.42 -5.96
N HIS A 31 17.24 14.23 -5.35
CA HIS A 31 16.15 13.28 -5.54
C HIS A 31 15.60 12.69 -4.25
N GLY A 32 16.26 12.86 -3.10
CA GLY A 32 15.76 12.26 -1.88
C GLY A 32 15.87 10.76 -1.83
N ILE A 33 16.53 10.14 -2.79
CA ILE A 33 16.70 8.69 -2.86
C ILE A 33 18.09 8.41 -3.41
N CYS A 34 18.77 7.43 -2.84
CA CYS A 34 20.09 7.07 -3.32
C CYS A 34 20.32 5.57 -3.16
N VAL A 35 20.70 4.92 -4.26
CA VAL A 35 21.01 3.50 -4.27
C VAL A 35 22.50 3.33 -4.50
N VAL A 36 23.15 2.55 -3.62
CA VAL A 36 24.55 2.18 -3.75
C VAL A 36 24.61 0.67 -3.84
N ASP A 37 24.97 0.15 -5.01
CA ASP A 37 25.13 -1.29 -5.15
C ASP A 37 26.54 -1.72 -4.82
N ASP A 38 26.69 -2.99 -4.44
CA ASP A 38 27.96 -3.57 -4.03
C ASP A 38 28.62 -2.72 -2.94
N PHE A 39 27.90 -2.55 -1.83
CA PHE A 39 28.36 -1.65 -0.78
C PHE A 39 29.58 -2.19 -0.06
N LEU A 40 29.52 -3.45 0.39
CA LEU A 40 30.60 -4.05 1.18
C LEU A 40 31.32 -5.17 0.48
N GLY A 41 30.80 -5.66 -0.65
CA GLY A 41 31.43 -6.76 -1.35
C GLY A 41 30.81 -8.11 -0.99
N LYS A 42 31.14 -9.08 -1.84
CA LYS A 42 30.53 -10.40 -1.78
C LYS A 42 30.77 -11.08 -0.43
N GLU A 43 32.03 -11.14 0.01
CA GLU A 43 32.37 -11.90 1.21
C GLU A 43 31.72 -11.31 2.45
N THR A 44 31.92 -10.01 2.67
CA THR A 44 31.33 -9.37 3.85
C THR A 44 29.81 -9.45 3.81
N GLY A 45 29.21 -9.26 2.63
CA GLY A 45 27.77 -9.37 2.52
C GLY A 45 27.27 -10.75 2.89
N GLN A 46 27.96 -11.78 2.38
CA GLN A 46 27.60 -13.16 2.74
C GLN A 46 27.69 -13.36 4.24
N GLN A 47 28.76 -12.90 4.86
CA GLN A 47 28.90 -13.08 6.30
C GLN A 47 27.74 -12.43 7.04
N ILE A 48 27.32 -11.24 6.60
CA ILE A 48 26.16 -10.60 7.19
C ILE A 48 24.92 -11.48 7.01
N GLY A 49 24.76 -12.07 5.82
CA GLY A 49 23.68 -13.01 5.62
C GLY A 49 23.71 -14.15 6.61
N ASP A 50 24.89 -14.69 6.87
CA ASP A 50 25.03 -15.76 7.86
C ASP A 50 24.57 -15.29 9.23
N GLU A 51 25.01 -14.11 9.65
CA GLU A 51 24.66 -13.64 10.99
C GLU A 51 23.16 -13.42 11.13
N VAL A 52 22.52 -12.87 10.09
N VAL A 52 22.52 -12.87 10.09
CA VAL A 52 21.07 -12.63 10.18
CA VAL A 52 21.07 -12.64 10.17
C VAL A 52 20.32 -13.95 10.15
C VAL A 52 20.34 -13.96 10.17
N ARG A 53 20.74 -14.89 9.29
CA ARG A 53 20.07 -16.19 9.25
C ARG A 53 20.23 -16.92 10.57
N ALA A 54 21.38 -16.76 11.23
CA ALA A 54 21.55 -17.33 12.56
C ALA A 54 20.60 -16.69 13.57
N LEU A 55 20.53 -15.35 13.57
CA LEU A 55 19.55 -14.67 14.41
C LEU A 55 18.15 -15.23 14.18
N HIS A 56 17.85 -15.57 12.94
CA HIS A 56 16.52 -16.04 12.57
C HIS A 56 16.29 -17.48 13.02
N ASP A 57 17.29 -18.34 12.83
CA ASP A 57 17.20 -19.74 13.20
C ASP A 57 17.10 -19.94 14.70
N THR A 58 17.46 -18.93 15.50
CA THR A 58 17.43 -19.03 16.94
C THR A 58 16.16 -18.40 17.52
N GLY A 59 15.15 -18.18 16.68
CA GLY A 59 13.85 -17.71 17.15
C GLY A 59 13.86 -16.34 17.78
N LYS A 60 14.80 -15.48 17.38
CA LYS A 60 14.87 -14.14 17.96
C LYS A 60 13.89 -13.15 17.33
N PHE A 61 13.28 -13.49 16.19
CA PHE A 61 12.48 -12.53 15.46
C PHE A 61 11.05 -12.47 16.00
N THR A 62 10.50 -11.26 16.03
CA THR A 62 9.12 -11.02 16.45
C THR A 62 8.44 -10.06 15.46
N ASP A 63 7.11 -9.97 15.55
CA ASP A 63 6.34 -9.22 14.56
C ASP A 63 6.76 -7.75 14.53
N GLY A 64 6.91 -7.21 13.33
CA GLY A 64 7.14 -5.79 13.20
C GLY A 64 6.05 -4.99 13.90
N GLN A 65 6.46 -3.90 14.57
CA GLN A 65 5.54 -3.06 15.32
C GLN A 65 5.34 -1.73 14.60
N LEU A 66 4.17 -1.14 14.85
CA LEU A 66 3.79 0.15 14.28
C LEU A 66 3.82 1.22 15.37
N VAL A 67 3.95 2.47 14.96
CA VAL A 67 4.07 3.57 15.93
C VAL A 67 2.86 3.62 16.85
N SER A 68 1.67 3.46 16.28
CA SER A 68 0.43 3.42 17.07
C SER A 68 -0.35 2.18 16.62
N GLN A 69 -0.09 1.07 17.30
CA GLN A 69 -0.74 -0.20 16.99
C GLN A 69 -2.08 -0.29 17.71
N LYS A 70 -3.06 -0.87 17.02
CA LYS A 70 -4.39 -1.06 17.56
C LYS A 70 -4.79 -2.52 17.67
N SER A 71 -4.34 -3.37 16.76
CA SER A 71 -4.52 -4.81 16.85
C SER A 71 -3.19 -5.46 17.23
N ASP A 72 -3.27 -6.52 18.03
CA ASP A 72 -2.06 -7.22 18.43
C ASP A 72 -1.42 -7.97 17.27
N SER A 73 -2.22 -8.38 16.29
CA SER A 73 -1.73 -9.01 15.07
C SER A 73 -2.00 -8.05 13.92
N SER A 74 -0.93 -7.54 13.31
CA SER A 74 -1.01 -6.51 12.28
C SER A 74 -0.29 -6.94 11.01
N LYS A 75 -0.23 -8.24 10.74
CA LYS A 75 0.47 -8.74 9.55
C LYS A 75 0.00 -8.04 8.28
N ASP A 76 -1.27 -7.65 8.23
CA ASP A 76 -1.80 -7.06 7.00
C ASP A 76 -1.37 -5.62 6.80
N ILE A 77 -0.86 -4.96 7.84
CA ILE A 77 -0.14 -3.71 7.64
C ILE A 77 1.30 -3.99 7.26
N ARG A 78 2.03 -4.69 8.12
CA ARG A 78 3.40 -5.12 7.84
C ARG A 78 3.55 -6.56 8.33
N GLY A 79 3.94 -7.45 7.43
CA GLY A 79 4.00 -8.86 7.75
C GLY A 79 5.42 -9.36 7.98
N ASP A 80 6.31 -8.48 8.43
CA ASP A 80 7.70 -8.88 8.63
C ASP A 80 7.96 -9.23 10.09
N LYS A 81 8.99 -10.05 10.28
CA LYS A 81 9.52 -10.43 11.58
C LYS A 81 10.81 -9.65 11.83
N ILE A 82 11.00 -9.20 13.08
CA ILE A 82 11.99 -8.18 13.39
C ILE A 82 12.88 -8.61 14.54
N THR A 83 14.08 -8.02 14.58
CA THR A 83 14.88 -8.04 15.79
C THR A 83 15.83 -6.84 15.78
N TRP A 84 15.97 -6.19 16.94
CA TRP A 84 16.79 -5.00 17.09
C TRP A 84 18.19 -5.38 17.56
N ILE A 85 19.20 -4.88 16.86
CA ILE A 85 20.59 -5.24 17.07
C ILE A 85 21.37 -3.97 17.37
N GLU A 86 22.11 -3.97 18.47
CA GLU A 86 22.96 -2.83 18.79
C GLU A 86 24.27 -2.85 18.01
N GLY A 87 24.70 -4.01 17.53
CA GLY A 87 25.94 -4.16 16.81
C GLY A 87 27.06 -4.76 17.65
N LYS A 88 26.96 -4.67 18.96
CA LYS A 88 27.99 -5.17 19.86
C LYS A 88 27.72 -6.60 20.33
N GLU A 89 26.57 -7.16 20.01
CA GLU A 89 26.23 -8.50 20.48
C GLU A 89 27.27 -9.51 19.98
N PRO A 90 27.88 -10.31 20.84
CA PRO A 90 28.80 -11.34 20.36
C PRO A 90 28.09 -12.28 19.40
N GLY A 91 28.69 -12.48 18.23
CA GLY A 91 28.05 -13.20 17.14
C GLY A 91 27.45 -12.32 16.07
N CYS A 92 27.49 -10.99 16.24
CA CYS A 92 26.98 -10.04 15.26
C CYS A 92 28.05 -9.08 14.79
N GLU A 93 29.33 -9.49 14.87
CA GLU A 93 30.45 -8.62 14.55
C GLU A 93 30.33 -8.01 13.16
N THR A 94 29.94 -8.78 12.16
CA THR A 94 29.89 -8.25 10.80
C THR A 94 28.72 -7.28 10.63
N ILE A 95 27.59 -7.55 11.28
CA ILE A 95 26.53 -6.55 11.33
C ILE A 95 27.04 -5.29 12.00
N GLY A 96 27.86 -5.46 13.06
CA GLY A 96 28.45 -4.31 13.71
C GLY A 96 29.34 -3.52 12.79
N LEU A 97 30.09 -4.22 11.92
CA LEU A 97 30.91 -3.55 10.92
C LEU A 97 30.06 -2.80 9.92
N LEU A 98 28.96 -3.42 9.45
CA LEU A 98 28.03 -2.72 8.59
C LEU A 98 27.56 -1.42 9.23
N MET A 99 27.08 -1.51 10.48
CA MET A 99 26.63 -0.31 11.18
C MET A 99 27.74 0.73 11.25
N SER A 100 28.98 0.30 11.52
CA SER A 100 30.08 1.24 11.57
C SER A 100 30.32 1.91 10.22
N SER A 101 30.28 1.14 9.14
CA SER A 101 30.38 1.71 7.80
C SER A 101 29.31 2.78 7.59
N MET A 102 28.04 2.40 7.78
CA MET A 102 26.95 3.33 7.57
C MET A 102 27.12 4.61 8.40
N ASP A 103 27.38 4.46 9.70
CA ASP A 103 27.54 5.62 10.56
C ASP A 103 28.69 6.50 10.09
N ASP A 104 29.82 5.88 9.75
CA ASP A 104 30.95 6.64 9.23
C ASP A 104 30.54 7.44 8.02
N LEU A 105 29.72 6.83 7.16
CA LEU A 105 29.27 7.49 5.93
C LEU A 105 28.35 8.66 6.26
N ILE A 106 27.37 8.45 7.14
CA ILE A 106 26.39 9.48 7.44
C ILE A 106 27.04 10.67 8.13
N CYS A 107 27.96 10.41 9.07
CA CYS A 107 28.57 11.51 9.81
C CYS A 107 29.42 12.37 8.90
N HIS A 108 29.96 11.81 7.83
CA HIS A 108 30.72 12.60 6.87
C HIS A 108 29.82 13.33 5.87
N CYS A 109 28.50 13.24 6.06
CA CYS A 109 27.54 14.00 5.25
C CYS A 109 27.06 15.28 5.94
N ASN A 110 27.23 15.38 7.26
CA ASN A 110 26.65 16.50 8.00
C ASN A 110 27.13 17.82 7.42
N GLY A 111 26.22 18.79 7.36
CA GLY A 111 26.46 20.02 6.65
C GLY A 111 26.21 19.96 5.17
N LYS A 112 25.95 18.77 4.61
CA LYS A 112 25.75 18.62 3.17
C LYS A 112 24.47 17.87 2.85
N LEU A 113 23.55 17.78 3.80
CA LEU A 113 22.24 17.19 3.56
C LEU A 113 21.17 18.22 3.85
N GLY A 114 21.22 19.33 3.12
CA GLY A 114 20.30 20.43 3.40
C GLY A 114 20.60 21.02 4.76
N SER A 115 19.57 21.14 5.59
CA SER A 115 19.70 21.70 6.92
C SER A 115 19.76 20.62 7.99
N TYR A 116 19.85 19.35 7.61
CA TYR A 116 19.83 18.26 8.57
C TYR A 116 21.19 18.10 9.24
N LYS A 117 21.17 17.98 10.56
CA LYS A 117 22.38 17.73 11.34
C LYS A 117 22.16 16.42 12.10
N ILE A 118 22.67 15.33 11.54
CA ILE A 118 22.41 14.00 12.08
C ILE A 118 23.26 13.80 13.32
N ASN A 119 22.61 13.50 14.45
CA ASN A 119 23.34 13.28 15.69
C ASN A 119 22.81 12.06 16.43
N GLY A 120 22.14 11.14 15.75
CA GLY A 120 21.62 9.97 16.42
C GLY A 120 21.13 8.95 15.41
N ARG A 121 20.89 7.74 15.92
CA ARG A 121 20.38 6.66 15.09
C ARG A 121 19.67 5.66 15.97
N THR A 122 18.79 4.89 15.35
CA THR A 122 18.19 3.74 16.01
C THR A 122 19.20 2.59 16.06
N LYS A 123 18.84 1.53 16.80
CA LYS A 123 19.51 0.27 16.60
C LYS A 123 19.23 -0.23 15.18
N ALA A 124 19.89 -1.31 14.79
CA ALA A 124 19.67 -1.91 13.48
C ALA A 124 18.48 -2.86 13.53
N MET A 125 17.49 -2.60 12.68
CA MET A 125 16.30 -3.45 12.59
C MET A 125 16.58 -4.50 11.53
N VAL A 126 16.93 -5.70 11.97
CA VAL A 126 16.98 -6.84 11.05
C VAL A 126 15.56 -7.33 10.82
N ALA A 127 15.23 -7.59 9.56
CA ALA A 127 13.86 -7.83 9.15
C ALA A 127 13.78 -8.95 8.12
N CYS A 128 12.76 -9.78 8.28
CA CYS A 128 12.49 -10.92 7.41
C CYS A 128 11.02 -10.91 7.01
N TYR A 129 10.76 -10.87 5.70
CA TYR A 129 9.43 -11.18 5.20
C TYR A 129 9.43 -12.64 4.79
N PRO A 130 8.69 -13.52 5.47
CA PRO A 130 8.79 -14.97 5.20
C PRO A 130 7.94 -15.42 4.01
N GLY A 131 8.21 -14.85 2.83
CA GLY A 131 7.42 -15.18 1.66
C GLY A 131 5.94 -15.19 1.96
N ASN A 132 5.18 -16.05 1.28
CA ASN A 132 3.75 -16.21 1.55
C ASN A 132 2.97 -14.93 1.31
N GLY A 133 3.46 -14.06 0.42
CA GLY A 133 2.75 -12.84 0.09
C GLY A 133 2.78 -11.75 1.14
N THR A 134 3.68 -11.85 2.11
CA THR A 134 3.77 -10.82 3.14
C THR A 134 4.40 -9.55 2.56
N GLY A 135 4.15 -8.43 3.22
CA GLY A 135 4.68 -7.18 2.76
C GLY A 135 4.40 -6.05 3.73
N TYR A 136 4.40 -4.84 3.20
CA TYR A 136 4.24 -3.63 4.01
C TYR A 136 3.50 -2.59 3.18
N VAL A 137 2.26 -2.30 3.56
CA VAL A 137 1.46 -1.37 2.77
C VAL A 137 2.15 -0.01 2.71
N ARG A 138 1.81 0.75 1.68
CA ARG A 138 2.33 2.11 1.51
C ARG A 138 2.26 2.88 2.82
N HIS A 139 3.38 3.47 3.21
CA HIS A 139 3.46 4.21 4.48
C HIS A 139 4.59 5.23 4.41
N VAL A 140 4.63 6.06 5.45
CA VAL A 140 5.68 7.07 5.64
C VAL A 140 6.40 6.73 6.94
N ASP A 141 7.73 6.63 6.87
CA ASP A 141 8.48 6.25 8.07
C ASP A 141 8.26 7.26 9.20
N ASN A 142 8.38 8.55 8.91
CA ASN A 142 8.27 9.61 9.91
C ASN A 142 7.25 10.65 9.44
N CYS A 143 6.04 10.63 9.99
CA CYS A 143 5.00 11.56 9.54
C CYS A 143 4.49 12.52 10.60
N ASN A 144 4.92 12.41 11.86
CA ASN A 144 4.58 13.38 12.89
C ASN A 144 5.79 14.19 13.32
N GLY A 145 6.93 14.01 12.67
CA GLY A 145 8.14 14.72 13.04
C GLY A 145 8.88 14.11 14.20
N ASP A 146 9.07 12.79 14.20
CA ASP A 146 9.66 12.10 15.35
C ASP A 146 11.17 12.16 15.36
N GLY A 147 11.81 12.89 14.44
CA GLY A 147 13.24 13.08 14.44
C GLY A 147 13.95 12.32 13.34
N ARG A 148 13.36 11.26 12.81
CA ARG A 148 14.01 10.46 11.78
C ARG A 148 14.02 11.23 10.46
N CYS A 149 15.22 11.51 9.95
CA CYS A 149 15.37 12.23 8.70
C CYS A 149 15.85 11.36 7.55
N VAL A 150 16.72 10.38 7.80
CA VAL A 150 17.23 9.50 6.74
C VAL A 150 16.95 8.05 7.12
N THR A 151 16.41 7.31 6.16
CA THR A 151 16.22 5.87 6.26
C THR A 151 17.32 5.19 5.45
N CYS A 152 17.98 4.21 6.07
N CYS A 152 18.03 4.26 6.09
CA CYS A 152 19.09 3.48 5.48
CA CYS A 152 19.08 3.49 5.44
C CYS A 152 18.78 1.99 5.58
C CYS A 152 18.74 2.01 5.56
N ILE A 153 18.85 1.28 4.45
CA ILE A 153 18.47 -0.13 4.40
C ILE A 153 19.53 -0.91 3.64
N TYR A 154 20.04 -1.98 4.26
CA TYR A 154 20.98 -2.88 3.62
C TYR A 154 20.28 -4.20 3.30
N TYR A 155 20.35 -4.61 2.04
CA TYR A 155 19.65 -5.79 1.54
C TYR A 155 20.62 -6.95 1.35
N LEU A 156 20.11 -8.17 1.55
CA LEU A 156 20.96 -9.35 1.64
C LEU A 156 20.48 -10.51 0.77
N ASN A 157 19.61 -10.26 -0.20
CA ASN A 157 18.92 -11.34 -0.91
C ASN A 157 19.65 -11.60 -2.23
N LYS A 158 20.38 -12.71 -2.27
CA LYS A 158 21.14 -13.08 -3.45
C LYS A 158 20.21 -13.60 -4.54
N ASP A 159 20.57 -13.31 -5.79
CA ASP A 159 19.85 -13.81 -6.96
C ASP A 159 18.34 -13.59 -6.81
N TRP A 160 17.97 -12.36 -6.51
CA TRP A 160 16.56 -12.03 -6.29
C TRP A 160 15.88 -11.78 -7.62
N ASP A 161 14.92 -12.64 -7.96
CA ASP A 161 14.10 -12.50 -9.17
C ASP A 161 12.74 -11.98 -8.71
N ALA A 162 12.51 -10.69 -8.95
CA ALA A 162 11.26 -10.08 -8.50
C ALA A 162 10.05 -10.66 -9.23
N LYS A 163 10.25 -11.13 -10.46
CA LYS A 163 9.13 -11.67 -11.23
C LYS A 163 8.47 -12.85 -10.53
N VAL A 164 9.24 -13.66 -9.81
CA VAL A 164 8.72 -14.84 -9.15
C VAL A 164 8.57 -14.63 -7.65
N SER A 165 9.40 -13.75 -7.08
CA SER A 165 9.46 -13.58 -5.63
C SER A 165 8.84 -12.27 -5.15
N GLY A 166 8.58 -11.31 -6.04
CA GLY A 166 7.97 -10.07 -5.62
C GLY A 166 8.89 -9.29 -4.70
N GLY A 167 8.30 -8.69 -3.66
CA GLY A 167 9.08 -8.01 -2.64
C GLY A 167 9.76 -6.74 -3.09
N ILE A 168 9.31 -6.13 -4.18
CA ILE A 168 9.88 -4.86 -4.59
C ILE A 168 9.45 -3.78 -3.62
N LEU A 169 10.39 -2.90 -3.26
CA LEU A 169 10.07 -1.69 -2.53
C LEU A 169 9.71 -0.61 -3.54
N ARG A 170 8.45 -0.19 -3.57
CA ARG A 170 8.04 0.90 -4.44
C ARG A 170 7.99 2.18 -3.61
N ILE A 171 8.80 3.17 -4.02
CA ILE A 171 8.77 4.50 -3.44
C ILE A 171 7.94 5.39 -4.35
N PHE A 172 7.08 6.19 -3.75
CA PHE A 172 6.22 7.11 -4.48
C PHE A 172 6.62 8.55 -4.16
N PRO A 173 7.67 9.07 -4.79
CA PRO A 173 8.09 10.45 -4.49
C PRO A 173 6.92 11.42 -4.61
N GLU A 174 6.71 12.19 -3.55
CA GLU A 174 5.52 13.02 -3.45
C GLU A 174 5.52 14.09 -4.54
N GLY A 175 4.31 14.42 -5.03
CA GLY A 175 4.13 15.47 -5.99
C GLY A 175 4.29 15.07 -7.43
N LYS A 176 4.74 13.85 -7.71
CA LYS A 176 4.99 13.41 -9.08
C LYS A 176 4.41 12.01 -9.26
N ALA A 177 3.92 11.76 -10.48
CA ALA A 177 3.33 10.46 -10.80
C ALA A 177 4.37 9.36 -10.90
N GLN A 178 5.66 9.71 -10.96
CA GLN A 178 6.71 8.72 -11.03
C GLN A 178 6.78 7.93 -9.72
N PHE A 179 7.37 6.73 -9.82
CA PHE A 179 7.75 5.96 -8.65
C PHE A 179 9.11 5.33 -8.94
N ALA A 180 9.73 4.80 -7.89
CA ALA A 180 11.03 4.15 -7.99
C ALA A 180 10.91 2.75 -7.41
N ASP A 181 11.14 1.74 -8.24
CA ASP A 181 11.10 0.35 -7.82
C ASP A 181 12.50 -0.11 -7.45
N ILE A 182 12.67 -0.46 -6.17
CA ILE A 182 13.95 -0.90 -5.62
C ILE A 182 13.85 -2.40 -5.40
N GLU A 183 14.60 -3.16 -6.19
CA GLU A 183 14.76 -4.58 -5.93
C GLU A 183 15.64 -4.77 -4.69
N PRO A 184 15.30 -5.72 -3.80
CA PRO A 184 16.13 -5.94 -2.60
C PRO A 184 17.36 -6.78 -2.90
N LYS A 185 18.18 -6.30 -3.83
CA LYS A 185 19.36 -7.03 -4.28
C LYS A 185 20.41 -7.14 -3.18
N PHE A 186 21.17 -8.24 -3.22
CA PHE A 186 22.24 -8.49 -2.27
C PHE A 186 23.28 -7.37 -2.31
N ASP A 187 23.69 -6.92 -1.12
CA ASP A 187 24.75 -5.93 -0.94
C ASP A 187 24.35 -4.55 -1.46
N ARG A 188 23.05 -4.27 -1.48
CA ARG A 188 22.54 -2.97 -1.90
C ARG A 188 22.25 -2.13 -0.67
N LEU A 189 22.71 -0.89 -0.69
CA LEU A 189 22.50 0.07 0.38
C LEU A 189 21.59 1.17 -0.15
N LEU A 190 20.48 1.41 0.53
CA LEU A 190 19.47 2.38 0.12
C LEU A 190 19.39 3.50 1.15
N PHE A 191 19.31 4.73 0.65
CA PHE A 191 19.08 5.93 1.44
C PHE A 191 17.82 6.61 0.92
N PHE A 192 17.01 7.16 1.83
CA PHE A 192 15.96 8.06 1.37
C PHE A 192 15.42 8.88 2.55
N TRP A 193 14.89 10.06 2.24
CA TRP A 193 14.33 10.90 3.30
C TRP A 193 13.17 10.16 3.96
N SER A 194 13.13 10.22 5.30
CA SER A 194 12.16 9.43 6.05
C SER A 194 10.79 10.07 6.12
N ASP A 195 10.67 11.37 5.86
CA ASP A 195 9.41 12.06 6.08
C ASP A 195 8.43 11.83 4.92
N ARG A 196 7.40 12.66 4.82
CA ARG A 196 6.29 12.41 3.90
C ARG A 196 6.67 12.57 2.44
N ARG A 197 7.90 12.98 2.14
CA ARG A 197 8.33 13.05 0.75
C ARG A 197 8.41 11.67 0.11
N ASN A 198 8.66 10.63 0.91
CA ASN A 198 8.91 9.28 0.41
C ASN A 198 7.94 8.26 1.01
N PRO A 199 6.66 8.37 0.72
CA PRO A 199 5.76 7.24 0.98
C PRO A 199 6.24 6.04 0.19
N HIS A 200 6.14 4.85 0.78
CA HIS A 200 6.69 3.66 0.14
C HIS A 200 6.00 2.43 0.69
N GLU A 201 6.06 1.34 -0.09
CA GLU A 201 5.48 0.07 0.30
C GLU A 201 6.38 -1.08 -0.13
N VAL A 202 6.40 -2.12 0.69
CA VAL A 202 6.99 -3.40 0.30
C VAL A 202 5.88 -4.23 -0.32
N GLN A 203 5.99 -4.50 -1.61
CA GLN A 203 4.95 -5.26 -2.27
C GLN A 203 5.10 -6.74 -1.92
N PRO A 204 4.00 -7.52 -1.98
CA PRO A 204 4.02 -8.91 -1.51
C PRO A 204 5.25 -9.70 -1.93
N ALA A 205 5.86 -10.41 -0.97
CA ALA A 205 7.02 -11.23 -1.22
C ALA A 205 6.65 -12.71 -1.13
N TYR A 206 7.16 -13.49 -2.07
CA TYR A 206 6.92 -14.92 -2.13
C TYR A 206 8.20 -15.72 -1.93
N ALA A 207 9.20 -15.08 -1.32
CA ALA A 207 10.45 -15.72 -0.95
C ALA A 207 10.91 -15.01 0.31
N THR A 208 11.80 -15.66 1.05
CA THR A 208 12.30 -15.05 2.27
C THR A 208 13.11 -13.81 1.91
N ARG A 209 12.73 -12.68 2.51
CA ARG A 209 13.27 -11.37 2.16
C ARG A 209 13.94 -10.77 3.39
N TYR A 210 15.26 -10.61 3.36
CA TYR A 210 16.01 -10.07 4.48
C TYR A 210 16.48 -8.65 4.19
N ALA A 211 16.54 -7.84 5.24
CA ALA A 211 17.08 -6.48 5.12
C ALA A 211 17.41 -5.96 6.52
N ILE A 212 18.37 -5.04 6.59
CA ILE A 212 18.75 -4.40 7.84
C ILE A 212 18.57 -2.89 7.68
N THR A 213 17.80 -2.29 8.58
CA THR A 213 17.45 -0.87 8.48
C THR A 213 18.04 -0.09 9.65
N VAL A 214 18.60 1.09 9.36
CA VAL A 214 18.99 2.05 10.38
C VAL A 214 18.32 3.38 10.03
N TRP A 215 17.70 4.01 11.03
CA TRP A 215 17.14 5.35 10.90
C TRP A 215 18.03 6.35 11.62
N TYR A 216 18.29 7.50 10.99
CA TYR A 216 19.16 8.52 11.56
C TYR A 216 18.36 9.76 11.95
N PHE A 217 18.71 10.34 13.09
CA PHE A 217 17.95 11.43 13.68
C PHE A 217 18.64 12.77 13.45
N ASP A 218 17.82 13.79 13.23
CA ASP A 218 18.27 15.17 13.14
C ASP A 218 18.24 15.81 14.52
N ALA A 219 19.33 16.48 14.87
CA ALA A 219 19.48 17.07 16.20
C ALA A 219 18.26 17.91 16.57
N ASP A 220 17.98 18.95 15.77
CA ASP A 220 16.92 19.89 16.10
C ASP A 220 15.56 19.22 16.12
N GLU A 221 15.25 18.45 15.07
CA GLU A 221 13.95 17.80 14.98
C GLU A 221 13.75 16.81 16.12
N THR A 222 14.81 16.13 16.55
CA THR A 222 14.68 15.18 17.65
C THR A 222 14.50 15.89 18.98
N ALA A 223 15.17 17.03 19.17
CA ALA A 223 14.93 17.83 20.38
C ALA A 223 13.48 18.28 20.44
N ALA A 224 13.00 18.91 19.37
CA ALA A 224 11.59 19.25 19.27
C ALA A 224 10.73 18.04 19.61
N ALA A 225 11.02 16.90 18.98
CA ALA A 225 10.22 15.70 19.20
C ALA A 225 10.18 15.32 20.67
N LYS A 226 11.32 15.41 21.35
CA LYS A 226 11.35 15.10 22.78
C LYS A 226 10.41 16.02 23.54
N VAL A 227 10.38 17.30 23.18
CA VAL A 227 9.45 18.21 23.86
C VAL A 227 8.00 17.84 23.54
N LYS A 228 7.72 17.53 22.28
CA LYS A 228 6.35 17.21 21.89
C LYS A 228 5.84 15.97 22.61
N TYR A 229 6.68 14.94 22.72
CA TYR A 229 6.30 13.73 23.43
C TYR A 229 6.55 13.89 24.92
N ALA B 16 -26.89 -9.18 -21.63
CA ALA B 16 -26.98 -9.79 -20.32
C ALA B 16 -26.44 -11.22 -20.35
N LEU B 17 -27.33 -12.20 -20.46
CA LEU B 17 -26.94 -13.61 -20.51
C LEU B 17 -25.70 -13.82 -21.37
N LYS B 18 -25.67 -13.19 -22.55
CA LYS B 18 -24.53 -13.29 -23.46
C LYS B 18 -23.24 -12.90 -22.75
N LEU B 19 -23.11 -11.63 -22.40
CA LEU B 19 -21.84 -11.12 -21.88
C LEU B 19 -21.48 -11.80 -20.56
N ALA B 20 -22.47 -12.04 -19.70
CA ALA B 20 -22.20 -12.62 -18.39
C ALA B 20 -21.74 -14.07 -18.53
N LEU B 21 -22.60 -14.92 -19.08
CA LEU B 21 -22.31 -16.34 -19.16
C LEU B 21 -21.08 -16.61 -20.02
N GLU B 22 -20.88 -15.83 -21.08
CA GLU B 22 -19.87 -16.11 -22.09
C GLU B 22 -18.58 -15.34 -21.88
N TYR B 23 -18.53 -14.37 -20.97
CA TYR B 23 -17.31 -13.59 -20.76
C TYR B 23 -16.98 -13.41 -19.28
N ILE B 24 -17.90 -12.83 -18.53
CA ILE B 24 -17.62 -12.49 -17.13
C ILE B 24 -17.43 -13.76 -16.32
N VAL B 25 -18.37 -14.71 -16.43
CA VAL B 25 -18.27 -15.93 -15.63
C VAL B 25 -16.95 -16.65 -15.87
N PRO B 26 -16.57 -17.01 -17.10
CA PRO B 26 -15.26 -17.66 -17.30
C PRO B 26 -14.11 -16.86 -16.72
N ALA B 27 -14.04 -15.56 -17.05
CA ALA B 27 -12.91 -14.75 -16.59
C ALA B 27 -12.83 -14.70 -15.07
N MET B 28 -13.97 -14.64 -14.38
CA MET B 28 -13.96 -14.56 -12.93
C MET B 28 -13.54 -15.88 -12.31
N ASN B 29 -14.08 -17.00 -12.81
CA ASN B 29 -13.73 -18.28 -12.22
C ASN B 29 -12.26 -18.62 -12.48
N LYS B 30 -11.74 -18.23 -13.65
CA LYS B 30 -10.37 -18.57 -14.00
C LYS B 30 -9.36 -17.63 -13.34
N HIS B 31 -9.67 -16.33 -13.27
CA HIS B 31 -8.74 -15.33 -12.79
C HIS B 31 -9.24 -14.52 -11.59
N GLY B 32 -10.53 -14.54 -11.30
CA GLY B 32 -11.04 -13.70 -10.23
C GLY B 32 -10.99 -12.22 -10.52
N ILE B 33 -10.75 -11.84 -11.77
CA ILE B 33 -10.70 -10.43 -12.19
C ILE B 33 -11.23 -10.36 -13.61
N CYS B 34 -12.21 -9.48 -13.84
CA CYS B 34 -12.80 -9.31 -15.17
C CYS B 34 -12.92 -7.82 -15.49
N VAL B 35 -12.42 -7.43 -16.66
CA VAL B 35 -12.57 -6.06 -17.13
C VAL B 35 -13.50 -6.07 -18.34
N VAL B 36 -14.42 -5.10 -18.39
CA VAL B 36 -15.38 -4.93 -19.47
C VAL B 36 -15.30 -3.47 -19.90
N ASP B 37 -14.76 -3.24 -21.08
CA ASP B 37 -14.68 -1.88 -21.59
C ASP B 37 -15.92 -1.50 -22.37
N ASP B 38 -16.12 -0.19 -22.55
CA ASP B 38 -17.28 0.36 -23.24
C ASP B 38 -18.57 -0.31 -22.75
N PHE B 39 -18.76 -0.29 -21.43
CA PHE B 39 -19.88 -1.02 -20.84
C PHE B 39 -21.21 -0.39 -21.26
N LEU B 40 -21.37 0.92 -21.03
CA LEU B 40 -22.64 1.59 -21.32
C LEU B 40 -22.57 2.53 -22.52
N GLY B 41 -21.38 2.83 -23.03
CA GLY B 41 -21.24 3.73 -24.15
C GLY B 41 -21.04 5.17 -23.73
N LYS B 42 -20.49 5.96 -24.65
CA LYS B 42 -20.06 7.32 -24.33
C LYS B 42 -21.22 8.18 -23.85
N GLU B 43 -22.39 8.07 -24.47
CA GLU B 43 -23.50 8.96 -24.09
C GLU B 43 -23.93 8.69 -22.66
N THR B 44 -24.25 7.43 -22.35
CA THR B 44 -24.65 7.06 -21.00
C THR B 44 -23.52 7.30 -20.00
N GLY B 45 -22.31 6.87 -20.36
CA GLY B 45 -21.18 7.12 -19.48
C GLY B 45 -21.03 8.59 -19.15
N GLN B 46 -21.24 9.45 -20.14
CA GLN B 46 -21.10 10.89 -19.95
C GLN B 46 -22.19 11.43 -19.04
N GLN B 47 -23.41 10.90 -19.18
CA GLN B 47 -24.48 11.34 -18.28
C GLN B 47 -24.20 10.91 -16.84
N ILE B 48 -23.73 9.67 -16.65
CA ILE B 48 -23.31 9.24 -15.31
C ILE B 48 -22.24 10.19 -14.78
N GLY B 49 -21.26 10.53 -15.62
CA GLY B 49 -20.24 11.48 -15.20
C GLY B 49 -20.83 12.79 -14.74
N ASP B 50 -21.82 13.32 -15.48
CA ASP B 50 -22.44 14.58 -15.11
C ASP B 50 -23.16 14.46 -13.77
N GLU B 51 -23.89 13.36 -13.56
CA GLU B 51 -24.60 13.20 -12.30
C GLU B 51 -23.63 13.09 -11.12
N VAL B 52 -22.56 12.31 -11.30
CA VAL B 52 -21.55 12.17 -10.24
C VAL B 52 -20.95 13.53 -9.91
N ARG B 53 -20.49 14.26 -10.94
N ARG B 53 -20.49 14.25 -10.93
CA ARG B 53 -19.86 15.54 -10.70
CA ARG B 53 -19.85 15.55 -10.69
C ARG B 53 -20.83 16.55 -10.09
C ARG B 53 -20.83 16.55 -10.09
N ALA B 54 -22.12 16.43 -10.42
CA ALA B 54 -23.13 17.26 -9.77
C ALA B 54 -23.16 16.96 -8.27
N LEU B 55 -23.32 15.67 -7.92
CA LEU B 55 -23.29 15.24 -6.54
C LEU B 55 -22.06 15.81 -5.82
N HIS B 56 -20.90 15.73 -6.46
CA HIS B 56 -19.67 16.27 -5.88
C HIS B 56 -19.80 17.77 -5.63
N ASP B 57 -20.21 18.52 -6.65
CA ASP B 57 -20.27 19.97 -6.55
C ASP B 57 -21.27 20.45 -5.53
N THR B 58 -22.17 19.59 -5.05
CA THR B 58 -22.98 20.00 -3.90
C THR B 58 -22.16 20.09 -2.63
N GLY B 59 -21.01 19.42 -2.56
CA GLY B 59 -20.25 19.33 -1.33
C GLY B 59 -20.67 18.21 -0.40
N LYS B 60 -21.53 17.31 -0.85
CA LYS B 60 -22.06 16.26 0.01
C LYS B 60 -21.04 15.17 0.34
N PHE B 61 -19.98 15.03 -0.46
CA PHE B 61 -19.07 13.91 -0.27
C PHE B 61 -18.35 14.02 1.08
N THR B 62 -18.22 12.89 1.76
CA THR B 62 -17.50 12.80 3.01
C THR B 62 -16.33 11.83 2.87
N ASP B 63 -15.45 11.84 3.87
CA ASP B 63 -14.24 11.03 3.82
C ASP B 63 -14.58 9.54 3.84
N GLY B 64 -13.92 8.78 2.97
CA GLY B 64 -14.07 7.34 2.98
C GLY B 64 -13.87 6.79 4.37
N GLN B 65 -14.69 5.81 4.75
CA GLN B 65 -14.62 5.20 6.07
C GLN B 65 -14.06 3.79 5.96
N LEU B 66 -13.47 3.32 7.06
CA LEU B 66 -12.92 1.98 7.16
C LEU B 66 -13.81 1.12 8.07
N VAL B 67 -13.72 -0.20 7.88
CA VAL B 67 -14.50 -1.12 8.70
C VAL B 67 -14.19 -0.90 10.17
N SER B 68 -12.90 -0.83 10.50
CA SER B 68 -12.42 -0.57 11.86
C SER B 68 -11.73 0.79 11.84
N GLN B 69 -12.49 1.84 12.17
CA GLN B 69 -11.97 3.19 12.13
C GLN B 69 -11.43 3.58 13.50
N LYS B 70 -10.24 4.17 13.52
CA LYS B 70 -9.56 4.51 14.76
C LYS B 70 -9.26 5.98 14.91
N SER B 71 -9.12 6.71 13.81
CA SER B 71 -8.83 8.14 13.85
C SER B 71 -9.86 8.89 13.04
N ASP B 72 -10.24 10.07 13.53
CA ASP B 72 -11.22 10.89 12.81
C ASP B 72 -10.77 11.14 11.37
N SER B 73 -9.48 11.32 11.16
CA SER B 73 -8.90 11.48 9.82
C SER B 73 -8.13 10.23 9.45
N SER B 74 -8.32 9.76 8.21
CA SER B 74 -7.67 8.55 7.73
C SER B 74 -7.29 8.66 6.27
N LYS B 75 -6.99 9.87 5.79
CA LYS B 75 -6.60 10.07 4.40
C LYS B 75 -5.41 9.20 4.03
N ASP B 76 -4.49 8.96 4.97
CA ASP B 76 -3.29 8.20 4.67
C ASP B 76 -3.57 6.71 4.46
N ILE B 77 -4.75 6.24 4.86
CA ILE B 77 -5.20 4.89 4.53
C ILE B 77 -5.96 4.93 3.21
N ARG B 78 -7.06 5.69 3.18
CA ARG B 78 -7.79 5.96 1.95
C ARG B 78 -8.10 7.44 1.92
N GLY B 79 -7.69 8.11 0.84
CA GLY B 79 -7.84 9.55 0.73
C GLY B 79 -8.96 9.99 -0.18
N ASP B 80 -9.92 9.11 -0.44
CA ASP B 80 -11.04 9.49 -1.29
C ASP B 80 -12.18 10.06 -0.46
N LYS B 81 -13.01 10.86 -1.12
CA LYS B 81 -14.27 11.33 -0.58
C LYS B 81 -15.39 10.67 -1.37
N ILE B 82 -16.48 10.32 -0.69
CA ILE B 82 -17.48 9.44 -1.26
C ILE B 82 -18.88 9.90 -0.86
N THR B 83 -19.88 9.29 -1.50
CA THR B 83 -21.28 9.46 -1.15
C THR B 83 -22.03 8.22 -1.60
N TRP B 84 -23.02 7.80 -0.83
CA TRP B 84 -23.78 6.58 -1.11
C TRP B 84 -25.07 6.94 -1.85
N ILE B 85 -25.36 6.22 -2.92
CA ILE B 85 -26.52 6.44 -3.77
C ILE B 85 -27.31 5.14 -3.87
N GLU B 86 -28.62 5.22 -3.65
CA GLU B 86 -29.50 4.07 -3.84
C GLU B 86 -29.87 3.86 -5.29
N GLY B 87 -29.83 4.91 -6.12
CA GLY B 87 -30.24 4.84 -7.50
C GLY B 87 -31.63 5.37 -7.74
N LYS B 88 -32.38 5.64 -6.68
CA LYS B 88 -33.73 6.17 -6.76
C LYS B 88 -33.80 7.68 -6.51
N GLU B 89 -32.70 8.29 -6.09
CA GLU B 89 -32.71 9.72 -5.80
C GLU B 89 -33.11 10.49 -7.05
N PRO B 90 -34.07 11.41 -6.97
CA PRO B 90 -34.38 12.27 -8.12
C PRO B 90 -33.15 13.05 -8.57
N GLY B 91 -32.73 12.81 -9.81
CA GLY B 91 -31.53 13.40 -10.36
C GLY B 91 -30.39 12.42 -10.60
N CYS B 92 -30.49 11.20 -10.09
CA CYS B 92 -29.47 10.18 -10.29
C CYS B 92 -29.98 9.05 -11.18
N GLU B 93 -30.87 9.38 -12.13
CA GLU B 93 -31.54 8.36 -12.93
C GLU B 93 -30.55 7.52 -13.73
N THR B 94 -29.48 8.14 -14.24
CA THR B 94 -28.54 7.39 -15.05
C THR B 94 -27.63 6.51 -14.21
N ILE B 95 -27.31 6.94 -12.99
CA ILE B 95 -26.65 6.04 -12.05
C ILE B 95 -27.57 4.89 -11.72
N GLY B 96 -28.84 5.16 -11.46
CA GLY B 96 -29.81 4.09 -11.26
C GLY B 96 -29.84 3.12 -12.42
N LEU B 97 -29.71 3.63 -13.65
CA LEU B 97 -29.66 2.76 -14.82
C LEU B 97 -28.40 1.90 -14.80
N LEU B 98 -27.25 2.51 -14.50
CA LEU B 98 -26.03 1.74 -14.32
C LEU B 98 -26.26 0.58 -13.35
N MET B 99 -26.86 0.89 -12.21
CA MET B 99 -27.08 -0.12 -11.18
C MET B 99 -28.01 -1.21 -11.68
N SER B 100 -29.10 -0.84 -12.35
CA SER B 100 -29.99 -1.87 -12.89
C SER B 100 -29.25 -2.78 -13.86
N SER B 101 -28.36 -2.20 -14.67
CA SER B 101 -27.60 -3.01 -15.61
C SER B 101 -26.70 -4.00 -14.88
N MET B 102 -25.93 -3.50 -13.90
CA MET B 102 -25.08 -4.36 -13.09
C MET B 102 -25.90 -5.47 -12.45
N ASP B 103 -26.95 -5.11 -11.70
CA ASP B 103 -27.78 -6.10 -11.02
C ASP B 103 -28.33 -7.13 -11.99
N ASP B 104 -28.77 -6.68 -13.16
CA ASP B 104 -29.25 -7.59 -14.18
C ASP B 104 -28.20 -8.66 -14.49
N LEU B 105 -26.98 -8.21 -14.83
CA LEU B 105 -25.90 -9.15 -15.10
C LEU B 105 -25.70 -10.12 -13.94
N ILE B 106 -25.43 -9.56 -12.76
CA ILE B 106 -25.11 -10.37 -11.60
C ILE B 106 -26.17 -11.42 -11.34
N CYS B 107 -27.44 -11.05 -11.45
CA CYS B 107 -28.48 -12.03 -11.17
C CYS B 107 -28.51 -13.11 -12.25
N HIS B 108 -28.25 -12.75 -13.51
CA HIS B 108 -28.11 -13.79 -14.51
C HIS B 108 -26.79 -14.54 -14.42
N CYS B 109 -25.99 -14.25 -13.40
CA CYS B 109 -24.78 -15.03 -13.14
C CYS B 109 -24.98 -16.13 -12.10
N ASN B 110 -25.97 -15.98 -11.21
CA ASN B 110 -26.15 -16.88 -10.07
C ASN B 110 -25.92 -18.34 -10.47
N GLY B 111 -25.22 -19.07 -9.59
CA GLY B 111 -24.91 -20.46 -9.81
C GLY B 111 -23.73 -20.70 -10.74
N LYS B 112 -23.27 -19.67 -11.44
CA LYS B 112 -22.13 -19.81 -12.34
C LYS B 112 -20.88 -19.07 -11.89
N LEU B 113 -21.00 -18.20 -10.88
CA LEU B 113 -19.83 -17.52 -10.32
C LEU B 113 -19.31 -18.34 -9.15
N GLY B 114 -18.31 -19.18 -9.42
CA GLY B 114 -17.81 -20.11 -8.44
C GLY B 114 -18.94 -20.89 -7.81
N SER B 115 -19.20 -20.64 -6.52
CA SER B 115 -20.31 -21.26 -5.81
C SER B 115 -21.12 -20.21 -5.04
N TYR B 116 -21.00 -18.95 -5.43
CA TYR B 116 -21.70 -17.88 -4.73
C TYR B 116 -23.13 -17.80 -5.21
N LYS B 117 -24.05 -17.56 -4.26
CA LYS B 117 -25.46 -17.35 -4.54
C LYS B 117 -25.72 -15.90 -4.13
N ILE B 118 -25.61 -14.99 -5.09
CA ILE B 118 -25.68 -13.57 -4.80
C ILE B 118 -27.13 -13.19 -4.55
N ASN B 119 -27.40 -12.56 -3.40
CA ASN B 119 -28.78 -12.16 -3.13
C ASN B 119 -28.86 -10.80 -2.47
N GLY B 120 -27.82 -9.98 -2.60
CA GLY B 120 -27.83 -8.66 -2.01
C GLY B 120 -26.72 -7.81 -2.57
N ARG B 121 -26.79 -6.52 -2.25
CA ARG B 121 -25.75 -5.58 -2.65
C ARG B 121 -25.79 -4.40 -1.71
N THR B 122 -24.68 -3.67 -1.67
CA THR B 122 -24.63 -2.40 -0.98
C THR B 122 -25.36 -1.34 -1.81
N LYS B 123 -25.52 -0.16 -1.22
CA LYS B 123 -25.75 1.00 -2.05
C LYS B 123 -24.54 1.21 -2.96
N ALA B 124 -24.68 2.13 -3.92
CA ALA B 124 -23.58 2.48 -4.78
C ALA B 124 -22.69 3.50 -4.08
N MET B 125 -21.39 3.23 -4.06
CA MET B 125 -20.42 4.16 -3.49
C MET B 125 -19.83 4.98 -4.64
N VAL B 126 -20.18 6.26 -4.67
CA VAL B 126 -19.58 7.21 -5.60
C VAL B 126 -18.35 7.78 -4.92
N ALA B 127 -17.18 7.56 -5.51
CA ALA B 127 -15.91 7.94 -4.89
C ALA B 127 -15.10 8.82 -5.82
N CYS B 128 -14.42 9.78 -5.19
CA CYS B 128 -13.56 10.76 -5.86
C CYS B 128 -12.26 10.87 -5.10
N TYR B 129 -11.15 10.50 -5.74
CA TYR B 129 -9.84 10.86 -5.23
C TYR B 129 -9.47 12.23 -5.78
N PRO B 130 -9.30 13.25 -4.94
CA PRO B 130 -9.16 14.63 -5.41
C PRO B 130 -7.72 15.00 -5.77
N GLY B 131 -7.09 14.20 -6.61
CA GLY B 131 -5.71 14.42 -6.93
C GLY B 131 -4.86 14.61 -5.69
N ASN B 132 -3.83 15.44 -5.83
CA ASN B 132 -2.94 15.79 -4.72
C ASN B 132 -2.34 14.55 -4.04
N GLY B 133 -2.14 13.49 -4.81
CA GLY B 133 -1.45 12.32 -4.31
C GLY B 133 -2.28 11.36 -3.47
N THR B 134 -3.58 11.58 -3.34
CA THR B 134 -4.40 10.69 -2.55
C THR B 134 -4.47 9.31 -3.20
N GLY B 135 -4.77 8.31 -2.38
CA GLY B 135 -4.91 6.96 -2.88
C GLY B 135 -5.52 6.06 -1.83
N TYR B 136 -5.28 4.76 -1.99
CA TYR B 136 -5.80 3.76 -1.08
C TYR B 136 -4.75 2.68 -0.91
N VAL B 137 -4.18 2.58 0.30
CA VAL B 137 -3.15 1.58 0.56
C VAL B 137 -3.69 0.18 0.25
N ARG B 138 -2.76 -0.76 0.07
CA ARG B 138 -3.11 -2.14 -0.22
C ARG B 138 -4.00 -2.71 0.87
N HIS B 139 -5.11 -3.31 0.46
CA HIS B 139 -6.11 -3.81 1.40
C HIS B 139 -6.93 -4.89 0.72
N VAL B 140 -7.73 -5.58 1.52
CA VAL B 140 -8.73 -6.54 1.03
C VAL B 140 -10.10 -6.02 1.43
N ASP B 141 -11.05 -6.10 0.50
CA ASP B 141 -12.38 -5.53 0.75
C ASP B 141 -13.11 -6.30 1.84
N ASN B 142 -13.14 -7.62 1.73
CA ASN B 142 -13.82 -8.50 2.68
C ASN B 142 -12.77 -9.34 3.38
N CYS B 143 -12.37 -8.90 4.58
CA CYS B 143 -11.31 -9.55 5.37
C CYS B 143 -11.85 -10.74 6.16
N ASN B 144 -13.06 -10.58 6.71
CA ASN B 144 -13.52 -11.33 7.86
C ASN B 144 -14.80 -12.09 7.56
N GLY B 145 -15.05 -12.37 6.29
CA GLY B 145 -16.28 -13.01 5.87
C GLY B 145 -17.51 -12.18 6.17
N ASP B 146 -17.58 -10.94 5.69
CA ASP B 146 -18.75 -10.10 5.94
C ASP B 146 -19.84 -10.27 4.89
N GLY B 147 -19.68 -11.22 3.97
CA GLY B 147 -20.67 -11.52 2.96
C GLY B 147 -20.31 -10.99 1.58
N ARG B 148 -19.57 -9.89 1.51
CA ARG B 148 -19.20 -9.32 0.23
C ARG B 148 -18.33 -10.30 -0.53
N CYS B 149 -18.81 -10.76 -1.68
CA CYS B 149 -18.10 -11.74 -2.48
C CYS B 149 -17.61 -11.21 -3.81
N VAL B 150 -18.33 -10.26 -4.43
CA VAL B 150 -17.93 -9.68 -5.70
C VAL B 150 -17.89 -8.16 -5.56
N THR B 151 -16.75 -7.57 -5.90
CA THR B 151 -16.59 -6.13 -5.98
C THR B 151 -16.74 -5.71 -7.44
N CYS B 152 -17.59 -4.72 -7.68
N CYS B 152 -17.53 -4.69 -7.70
CA CYS B 152 -17.83 -4.16 -9.00
CA CYS B 152 -17.73 -4.21 -9.05
C CYS B 152 -17.56 -2.67 -8.97
C CYS B 152 -17.67 -2.69 -9.09
N ILE B 153 -16.74 -2.17 -9.89
CA ILE B 153 -16.38 -0.76 -9.93
C ILE B 153 -16.57 -0.24 -11.36
N TYR B 154 -17.30 0.86 -11.51
CA TYR B 154 -17.48 1.53 -12.79
C TYR B 154 -16.69 2.84 -12.78
N TYR B 155 -15.78 3.01 -13.74
CA TYR B 155 -14.90 4.17 -13.79
C TYR B 155 -15.41 5.24 -14.77
N LEU B 156 -15.16 6.51 -14.45
CA LEU B 156 -15.72 7.65 -15.17
C LEU B 156 -14.69 8.59 -15.78
N ASN B 157 -13.43 8.18 -15.95
CA ASN B 157 -12.35 9.12 -16.20
C ASN B 157 -11.92 9.08 -17.67
N LYS B 158 -12.30 10.11 -18.42
CA LYS B 158 -11.95 10.22 -19.83
C LYS B 158 -10.49 10.63 -19.98
N ASP B 159 -9.83 10.05 -20.99
CA ASP B 159 -8.46 10.41 -21.34
C ASP B 159 -7.55 10.38 -20.12
N TRP B 160 -7.70 9.35 -19.29
CA TRP B 160 -6.86 9.20 -18.12
C TRP B 160 -5.49 8.70 -18.54
N ASP B 161 -4.45 9.49 -18.25
CA ASP B 161 -3.07 9.13 -18.55
C ASP B 161 -2.37 8.81 -17.24
N ALA B 162 -2.22 7.51 -16.96
CA ALA B 162 -1.62 7.08 -15.71
C ALA B 162 -0.19 7.60 -15.56
N LYS B 163 0.51 7.82 -16.68
CA LYS B 163 1.89 8.30 -16.61
C LYS B 163 2.00 9.70 -16.01
N VAL B 164 0.92 10.48 -16.03
CA VAL B 164 0.90 11.82 -15.49
C VAL B 164 0.01 11.92 -14.26
N SER B 165 -1.09 11.18 -14.24
CA SER B 165 -2.07 11.30 -13.18
C SER B 165 -2.02 10.16 -12.17
N GLY B 166 -1.37 9.04 -12.50
CA GLY B 166 -1.24 7.95 -11.55
C GLY B 166 -2.57 7.24 -11.36
N GLY B 167 -2.96 7.05 -10.09
CA GLY B 167 -4.24 6.49 -9.74
C GLY B 167 -4.55 5.12 -10.33
N ILE B 168 -3.52 4.38 -10.73
CA ILE B 168 -3.71 3.00 -11.16
C ILE B 168 -4.28 2.19 -10.01
N LEU B 169 -5.17 1.24 -10.32
CA LEU B 169 -5.58 0.22 -9.36
C LEU B 169 -4.68 -0.99 -9.58
N ARG B 170 -3.80 -1.26 -8.62
CA ARG B 170 -2.93 -2.45 -8.70
C ARG B 170 -3.51 -3.54 -7.82
N ILE B 171 -3.85 -4.66 -8.43
CA ILE B 171 -4.33 -5.84 -7.72
C ILE B 171 -3.19 -6.85 -7.67
N PHE B 172 -3.04 -7.52 -6.53
CA PHE B 172 -2.01 -8.55 -6.32
C PHE B 172 -2.69 -9.89 -6.10
N PRO B 173 -2.97 -10.65 -7.17
CA PRO B 173 -3.57 -11.98 -6.99
C PRO B 173 -2.81 -12.82 -5.97
N GLU B 174 -3.50 -13.23 -4.91
CA GLU B 174 -2.85 -13.97 -3.83
C GLU B 174 -2.24 -15.27 -4.35
N GLY B 175 -1.01 -15.56 -3.92
CA GLY B 175 -0.30 -16.76 -4.29
C GLY B 175 0.75 -16.56 -5.35
N LYS B 176 0.65 -15.51 -6.16
CA LYS B 176 1.55 -15.28 -7.29
C LYS B 176 2.15 -13.89 -7.18
N ALA B 177 3.43 -13.79 -7.55
CA ALA B 177 4.11 -12.49 -7.51
C ALA B 177 3.52 -11.52 -8.53
N GLN B 178 2.99 -12.04 -9.64
CA GLN B 178 2.42 -11.19 -10.67
C GLN B 178 1.26 -10.36 -10.12
N PHE B 179 1.01 -9.23 -10.78
CA PHE B 179 -0.08 -8.32 -10.41
C PHE B 179 -0.82 -7.89 -11.67
N ALA B 180 -1.93 -7.18 -11.46
CA ALA B 180 -2.77 -6.68 -12.54
C ALA B 180 -3.01 -5.20 -12.31
N ASP B 181 -2.47 -4.37 -13.20
CA ASP B 181 -2.69 -2.93 -13.16
C ASP B 181 -3.90 -2.58 -14.02
N ILE B 182 -4.86 -1.87 -13.43
CA ILE B 182 -6.11 -1.48 -14.08
C ILE B 182 -6.16 0.04 -14.09
N GLU B 183 -6.18 0.63 -15.28
CA GLU B 183 -6.37 2.06 -15.39
C GLU B 183 -7.83 2.41 -15.12
N PRO B 184 -8.10 3.46 -14.48
CA PRO B 184 -9.49 3.82 -14.15
C PRO B 184 -10.22 4.46 -15.32
N LYS B 185 -10.27 3.75 -16.45
CA LYS B 185 -10.71 4.35 -17.71
C LYS B 185 -12.21 4.55 -17.75
N PHE B 186 -12.61 5.58 -18.51
CA PHE B 186 -14.02 5.92 -18.69
C PHE B 186 -14.81 4.72 -19.22
N ASP B 187 -16.00 4.51 -18.65
CA ASP B 187 -16.95 3.49 -19.11
C ASP B 187 -16.37 2.08 -18.98
N ARG B 188 -15.47 1.89 -18.01
CA ARG B 188 -14.91 0.57 -17.74
C ARG B 188 -15.59 -0.03 -16.52
N LEU B 189 -15.94 -1.30 -16.62
CA LEU B 189 -16.62 -2.05 -15.56
C LEU B 189 -15.68 -3.16 -15.11
N LEU B 190 -15.34 -3.15 -13.82
CA LEU B 190 -14.40 -4.09 -13.26
C LEU B 190 -15.11 -4.98 -12.26
N PHE B 191 -14.82 -6.28 -12.34
CA PHE B 191 -15.27 -7.30 -11.39
C PHE B 191 -14.05 -7.91 -10.74
N PHE B 192 -14.15 -8.24 -9.45
CA PHE B 192 -13.11 -9.06 -8.86
C PHE B 192 -13.56 -9.58 -7.50
N TRP B 193 -13.01 -10.73 -7.10
CA TRP B 193 -13.39 -11.32 -5.83
C TRP B 193 -13.02 -10.39 -4.69
N SER B 194 -13.97 -10.16 -3.77
CA SER B 194 -13.77 -9.20 -2.69
C SER B 194 -12.91 -9.74 -1.55
N ASP B 195 -12.73 -11.06 -1.44
CA ASP B 195 -12.07 -11.62 -0.27
C ASP B 195 -10.55 -11.52 -0.42
N ARG B 196 -9.82 -12.22 0.47
CA ARG B 196 -8.36 -12.08 0.56
C ARG B 196 -7.64 -12.55 -0.69
N ARG B 197 -8.33 -13.17 -1.65
CA ARG B 197 -7.69 -13.53 -2.91
C ARG B 197 -7.18 -12.31 -3.68
N ASN B 198 -7.87 -11.18 -3.58
CA ASN B 198 -7.57 -10.00 -4.39
C ASN B 198 -7.29 -8.79 -3.50
N PRO B 199 -6.13 -8.76 -2.83
CA PRO B 199 -5.70 -7.52 -2.20
C PRO B 199 -5.31 -6.51 -3.28
N HIS B 200 -5.61 -5.23 -3.03
CA HIS B 200 -5.45 -4.22 -4.06
C HIS B 200 -5.22 -2.86 -3.43
N GLU B 201 -4.62 -1.95 -4.23
CA GLU B 201 -4.38 -0.58 -3.79
C GLU B 201 -4.65 0.38 -4.95
N VAL B 202 -5.07 1.58 -4.59
CA VAL B 202 -5.14 2.71 -5.52
C VAL B 202 -3.86 3.49 -5.34
N GLN B 203 -2.98 3.44 -6.34
CA GLN B 203 -1.72 4.14 -6.25
C GLN B 203 -1.96 5.66 -6.34
N PRO B 204 -1.07 6.46 -5.73
CA PRO B 204 -1.30 7.91 -5.67
C PRO B 204 -1.81 8.52 -6.97
N ALA B 205 -2.87 9.31 -6.87
CA ALA B 205 -3.50 9.94 -8.02
C ALA B 205 -3.21 11.43 -8.00
N TYR B 206 -3.03 12.01 -9.18
CA TYR B 206 -2.67 13.41 -9.32
C TYR B 206 -3.64 14.12 -10.25
N ALA B 207 -4.87 13.62 -10.27
CA ALA B 207 -6.00 14.19 -11.00
C ALA B 207 -7.24 13.66 -10.33
N THR B 208 -8.36 14.38 -10.50
N THR B 208 -8.35 14.38 -10.49
CA THR B 208 -9.62 13.93 -9.92
CA THR B 208 -9.62 13.93 -9.93
C THR B 208 -10.02 12.59 -10.51
C THR B 208 -9.98 12.58 -10.52
N ARG B 209 -10.21 11.60 -9.65
CA ARG B 209 -10.43 10.21 -10.05
C ARG B 209 -11.81 9.77 -9.55
N TYR B 210 -12.73 9.54 -10.47
CA TYR B 210 -14.11 9.19 -10.14
C TYR B 210 -14.36 7.71 -10.41
N ALA B 211 -15.15 7.08 -9.54
CA ALA B 211 -15.57 5.70 -9.77
C ALA B 211 -16.81 5.41 -8.97
N ILE B 212 -17.61 4.45 -9.44
CA ILE B 212 -18.79 3.98 -8.72
C ILE B 212 -18.61 2.51 -8.41
N THR B 213 -18.75 2.15 -7.14
CA THR B 213 -18.52 0.80 -6.65
C THR B 213 -19.82 0.21 -6.13
N VAL B 214 -20.03 -1.08 -6.42
CA VAL B 214 -21.10 -1.86 -5.83
C VAL B 214 -20.49 -3.16 -5.33
N TRP B 215 -20.82 -3.53 -4.09
CA TRP B 215 -20.43 -4.82 -3.53
C TRP B 215 -21.65 -5.74 -3.50
N TYR B 216 -21.49 -6.95 -4.03
CA TYR B 216 -22.55 -7.95 -4.01
C TYR B 216 -22.31 -8.97 -2.90
N PHE B 217 -23.40 -9.35 -2.23
CA PHE B 217 -23.34 -10.24 -1.08
C PHE B 217 -23.75 -11.66 -1.42
N ASP B 218 -23.05 -12.60 -0.83
CA ASP B 218 -23.35 -14.02 -0.95
C ASP B 218 -24.35 -14.41 0.14
N ALA B 219 -25.41 -15.10 -0.28
CA ALA B 219 -26.51 -15.44 0.62
C ALA B 219 -26.00 -16.15 1.88
N ASP B 220 -25.34 -17.29 1.70
CA ASP B 220 -24.91 -18.10 2.85
C ASP B 220 -23.92 -17.33 3.71
N GLU B 221 -22.86 -16.78 3.10
CA GLU B 221 -21.84 -16.10 3.88
C GLU B 221 -22.41 -14.90 4.61
N THR B 222 -23.34 -14.20 3.99
CA THR B 222 -23.96 -13.04 4.65
C THR B 222 -24.80 -13.49 5.84
N ALA B 223 -25.63 -14.52 5.66
CA ALA B 223 -26.41 -15.03 6.77
C ALA B 223 -25.50 -15.49 7.91
N ALA B 224 -24.40 -16.17 7.59
CA ALA B 224 -23.49 -16.66 8.61
C ALA B 224 -22.81 -15.49 9.33
N ALA B 225 -22.47 -14.44 8.59
CA ALA B 225 -21.84 -13.28 9.20
C ALA B 225 -22.77 -12.58 10.18
N LYS B 226 -24.07 -12.57 9.87
CA LYS B 226 -25.05 -11.93 10.75
C LYS B 226 -25.57 -12.92 11.79
N ASP C 1 -3.76 12.14 12.55
CA ASP C 1 -4.53 11.30 11.65
C ASP C 1 -4.10 9.84 11.80
N ALA C 2 -4.38 9.02 10.80
CA ALA C 2 -4.07 7.59 10.84
C ALA C 2 -2.65 7.28 10.39
N CYS C 3 -1.83 8.30 10.12
CA CYS C 3 -0.52 8.03 9.54
C CYS C 3 0.32 7.13 10.46
N THR C 4 0.32 7.43 11.75
CA THR C 4 1.12 6.65 12.69
C THR C 4 0.61 5.21 12.83
N LEU C 5 -0.61 4.94 12.37
CA LEU C 5 -1.11 3.56 12.36
C LEU C 5 -0.32 2.68 11.40
N LEU C 6 0.40 3.28 10.45
CA LEU C 6 1.12 2.53 9.43
C LEU C 6 2.63 2.62 9.58
N ALA C 7 3.14 3.55 10.36
CA ALA C 7 4.56 3.86 10.39
C ALA C 7 5.32 2.83 11.23
N PRO C 8 6.55 2.47 10.83
CA PRO C 8 7.31 1.49 11.61
C PRO C 8 7.80 2.07 12.92
N ALA C 9 7.63 1.29 13.99
CA ALA C 9 8.15 1.70 15.29
C ALA C 9 9.66 1.92 15.20
N ALA C 10 10.14 2.96 15.88
CA ALA C 10 11.55 3.32 15.83
C ALA C 10 12.38 2.66 16.92
N GLY C 11 11.77 1.90 17.82
CA GLY C 11 12.46 1.38 18.98
C GLY C 11 12.43 2.35 20.14
N ASP C 12 12.92 1.89 21.29
CA ASP C 12 12.94 2.71 22.48
C ASP C 12 14.25 3.46 22.68
N THR C 13 15.24 3.24 21.81
CA THR C 13 16.59 3.71 22.05
C THR C 13 17.08 4.55 20.87
N ILE C 14 17.69 5.68 21.18
CA ILE C 14 18.41 6.51 20.22
C ILE C 14 19.88 6.49 20.60
N ILE C 15 20.74 6.08 19.65
CA ILE C 15 22.18 6.03 19.89
C ILE C 15 22.80 7.32 19.39
N SER C 16 23.59 7.98 20.24
CA SER C 16 24.27 9.22 19.86
C SER C 16 25.28 8.94 18.75
N LEU C 17 25.54 9.98 17.95
CA LEU C 17 26.37 9.82 16.76
C LEU C 17 26.91 11.17 16.33
N CYS C 18 28.05 11.13 15.63
CA CYS C 18 28.62 12.28 14.91
C CYS C 18 29.13 13.39 15.83
N PHE C 19 28.28 13.94 16.68
CA PHE C 19 28.72 14.94 17.66
C PHE C 19 27.83 14.94 18.89
N ASP D 1 -7.59 -9.32 13.74
CA ASP D 1 -6.34 -8.71 13.30
C ASP D 1 -6.57 -7.30 12.78
N ALA D 2 -5.57 -6.72 12.12
CA ALA D 2 -5.63 -5.33 11.66
C ALA D 2 -6.22 -5.18 10.27
N CYS D 3 -6.70 -6.26 9.66
CA CYS D 3 -7.11 -6.20 8.25
C CYS D 3 -8.29 -5.25 8.08
N THR D 4 -9.22 -5.23 9.04
CA THR D 4 -10.37 -4.34 8.92
C THR D 4 -10.00 -2.88 9.09
N LEU D 5 -8.81 -2.58 9.63
CA LEU D 5 -8.36 -1.19 9.69
C LEU D 5 -8.14 -0.60 8.31
N LEU D 6 -7.96 -1.44 7.29
CA LEU D 6 -7.71 -0.99 5.94
C LEU D 6 -8.89 -1.21 5.00
N ALA D 7 -9.96 -1.92 5.47
CA ALA D 7 -11.00 -2.41 4.59
C ALA D 7 -12.08 -1.35 4.37
N PRO D 8 -12.61 -1.25 3.15
CA PRO D 8 -13.62 -0.23 2.86
C PRO D 8 -14.92 -0.50 3.60
N ALA D 9 -15.40 0.52 4.33
CA ALA D 9 -16.67 0.42 5.02
C ALA D 9 -17.78 0.06 4.04
N ALA D 10 -18.53 -0.99 4.36
CA ALA D 10 -19.64 -1.43 3.53
C ALA D 10 -20.92 -0.67 3.82
N GLY D 11 -20.95 0.14 4.88
CA GLY D 11 -22.16 0.81 5.27
C GLY D 11 -22.94 -0.04 6.26
N ASP D 12 -24.26 -0.03 6.13
CA ASP D 12 -25.13 -0.71 7.08
C ASP D 12 -26.37 -1.32 6.45
N THR D 13 -26.78 -0.90 5.26
CA THR D 13 -27.96 -1.43 4.59
C THR D 13 -27.54 -2.34 3.44
N ILE D 14 -28.25 -3.44 3.28
CA ILE D 14 -28.08 -4.35 2.15
C ILE D 14 -29.39 -4.37 1.39
N ILE D 15 -29.32 -4.27 0.07
CA ILE D 15 -30.50 -4.25 -0.79
C ILE D 15 -30.70 -5.65 -1.35
N SER D 16 -31.88 -6.22 -1.10
CA SER D 16 -32.19 -7.56 -1.59
C SER D 16 -32.11 -7.61 -3.11
N LEU D 17 -31.68 -8.77 -3.63
CA LEU D 17 -31.42 -8.89 -5.06
C LEU D 17 -31.59 -10.34 -5.50
N CYS D 18 -31.98 -10.52 -6.76
CA CYS D 18 -32.02 -11.81 -7.43
C CYS D 18 -33.10 -12.74 -6.90
N PHE D 19 -33.09 -13.03 -5.60
CA PHE D 19 -34.15 -13.83 -5.00
C PHE D 19 -34.37 -13.46 -3.54
MN MN E . 9.27 2.22 5.83
C1 OGA F . 9.96 -0.45 6.75
C2 OGA F . 10.17 -0.47 5.25
C4 OGA F . 11.27 -1.30 3.28
C5 OGA F . 12.03 -2.54 2.83
O1 OGA F . 10.36 -1.42 7.46
O2 OGA F . 9.39 0.53 7.30
O2' OGA F . 9.48 0.40 4.46
O3 OGA F . 12.33 -2.62 1.63
N1 OGA F . 11.02 -1.34 4.70
O4 OGA F . 12.30 -3.40 3.71
H4C1 OGA F . 11.79 -0.51 3.07
H4C2 OGA F . 10.41 -1.27 2.81
H1 OGA F . 11.30 -2.11 5.11
MN MN G . -11.03 -1.95 -2.17
C1 OGA H . -11.98 0.77 -2.67
C2 OGA H . -10.99 0.59 -3.81
C4 OGA H . -10.35 0.94 -6.11
C5 OGA H . -10.61 1.93 -7.23
O1 OGA H . -12.12 -0.13 -1.81
O2 OGA H . -12.65 1.83 -2.60
O2' OGA H . -10.00 -0.33 -3.71
O3 OGA H . -11.24 2.98 -6.96
N1 OGA H . -11.07 1.33 -4.93
O4 OGA H . -10.16 1.60 -8.37
H4C1 OGA H . -9.40 0.93 -5.90
H4C2 OGA H . -10.63 0.05 -6.38
H1 OGA H . -11.40 2.18 -4.94
#